data_3P4K
#
_entry.id   3P4K
#
_cell.length_a   82.641
_cell.length_b   82.641
_cell.length_c   123.640
_cell.angle_alpha   90.00
_cell.angle_beta   90.00
_cell.angle_gamma   120.00
#
_symmetry.space_group_name_H-M   'P 31 2 1'
#
loop_
_entity.id
_entity.type
_entity.pdbx_description
1 polymer 'Mitogen-activated protein kinase 14'
2 polymer 'MAP kinase 14'
3 water water
#
loop_
_entity_poly.entity_id
_entity_poly.type
_entity_poly.pdbx_seq_one_letter_code
_entity_poly.pdbx_strand_id
1 'polypeptide(L)'
;MAHHHHHHAMMSQERPTFYRQELNKTIWEVPERYQNLAPVGSGAYGSVCAAFDTKTGHRVAVKKLSRPFQSIIHAKRTYR
ELRLLKHMKHENVIGLLDVFTPARSLEEFNDVYLVTHLMGADLNNIVKCQKLTDDHVQFLIYQILRGLKYIHSADIIHRD
LKPSNLAVNEDCELKILDFGLARHTDDEMTGYVATRWYRAPEIMLNWMHYNQTVDIWSVGCIMAELLTGRTLFPGTDHID
QLKLILRLVGTPGAELLKKISSESARNYIQSLAQMPKMNFANVFIGANPLAVDLLEKMLVLDSDKRITAAQALAHAYFAQ
YHDPDDEPVADPYDQSFESRDLLIDEWKSLTYDEVISFVPPPLDQEEMES
;
A
2 'polypeptide(L)' AADLRISCNSK P
#
# COMPACT_ATOMS: atom_id res chain seq x y z
N GLU A 14 -16.26 22.23 20.12
CA GLU A 14 -16.81 21.75 18.78
C GLU A 14 -16.93 20.21 18.71
N ARG A 15 -17.09 19.55 19.87
CA ARG A 15 -17.50 18.14 19.94
C ARG A 15 -18.88 17.99 19.29
N PRO A 16 -19.00 17.06 18.32
CA PRO A 16 -20.27 16.82 17.64
C PRO A 16 -21.20 16.08 18.57
N THR A 17 -22.44 15.85 18.13
CA THR A 17 -23.34 14.92 18.80
C THR A 17 -23.09 13.52 18.32
N PHE A 18 -22.93 12.60 19.26
CA PHE A 18 -22.71 11.20 18.97
C PHE A 18 -24.00 10.47 19.18
N TYR A 19 -24.13 9.32 18.54
CA TYR A 19 -25.24 8.46 18.81
C TYR A 19 -24.65 7.04 18.86
N ARG A 20 -25.14 6.17 19.76
CA ARG A 20 -24.57 4.82 19.90
C ARG A 20 -25.51 3.80 19.40
N GLN A 21 -24.99 2.78 18.75
CA GLN A 21 -25.82 1.73 18.22
C GLN A 21 -25.04 0.40 18.17
N GLU A 22 -25.66 -0.70 18.58
CA GLU A 22 -24.95 -1.98 18.56
C GLU A 22 -25.22 -2.63 17.24
N LEU A 23 -24.19 -2.94 16.46
CA LEU A 23 -24.43 -3.83 15.35
C LEU A 23 -23.30 -4.84 15.15
N ASN A 24 -23.70 -6.09 14.82
CA ASN A 24 -22.85 -7.33 14.93
C ASN A 24 -22.14 -7.50 16.27
N LYS A 25 -22.90 -7.30 17.35
CA LYS A 25 -22.38 -7.34 18.72
C LYS A 25 -21.12 -6.49 19.03
N THR A 26 -20.93 -5.39 18.31
CA THR A 26 -19.94 -4.38 18.71
C THR A 26 -20.63 -3.00 18.87
N ILE A 27 -20.37 -2.27 19.94
CA ILE A 27 -20.96 -0.91 20.06
C ILE A 27 -20.25 0.12 19.17
N TRP A 28 -21.00 0.85 18.36
CA TRP A 28 -20.43 1.90 17.53
C TRP A 28 -20.96 3.19 18.07
N GLU A 29 -20.07 4.09 18.45
CA GLU A 29 -20.51 5.37 18.95
C GLU A 29 -19.84 6.45 18.09
N VAL A 30 -20.61 7.03 17.18
CA VAL A 30 -20.10 7.91 16.13
C VAL A 30 -20.84 9.25 16.07
N PRO A 31 -20.19 10.32 15.54
CA PRO A 31 -20.94 11.52 15.32
C PRO A 31 -22.13 11.30 14.36
N GLU A 32 -23.17 12.09 14.55
CA GLU A 32 -24.38 11.96 13.75
C GLU A 32 -24.18 12.35 12.27
N ARG A 33 -23.09 13.05 11.93
CA ARG A 33 -22.79 13.20 10.50
C ARG A 33 -22.66 11.89 9.73
N TYR A 34 -22.30 10.81 10.43
CA TYR A 34 -22.17 9.52 9.78
C TYR A 34 -23.41 8.70 9.89
N GLN A 35 -24.01 8.41 8.73
CA GLN A 35 -25.36 7.79 8.68
C GLN A 35 -25.36 6.47 7.91
N ASN A 36 -26.31 5.62 8.26
CA ASN A 36 -26.49 4.39 7.53
C ASN A 36 -25.26 3.48 7.59
N LEU A 37 -24.69 3.32 8.77
CA LEU A 37 -23.55 2.42 8.97
C LEU A 37 -23.91 0.94 8.61
N ALA A 38 -23.07 0.32 7.80
CA ALA A 38 -23.34 -1.06 7.42
C ALA A 38 -21.99 -1.77 7.38
N PRO A 39 -21.81 -2.82 8.23
CA PRO A 39 -20.62 -3.67 8.31
C PRO A 39 -20.08 -4.12 6.99
N VAL A 40 -18.77 -4.27 6.90
CA VAL A 40 -18.12 -4.88 5.76
C VAL A 40 -16.90 -5.70 6.21
N GLY A 41 -16.87 -6.11 7.48
CA GLY A 41 -15.69 -6.84 8.02
C GLY A 41 -15.15 -6.45 9.42
N SER A 42 -13.84 -6.65 9.65
CA SER A 42 -12.84 -7.01 8.63
C SER A 42 -11.83 -8.07 9.13
N GLY A 43 -11.08 -7.75 10.21
CA GLY A 43 -10.01 -8.64 10.70
C GLY A 43 -9.41 -8.37 12.08
N ALA A 44 -8.07 -8.34 12.13
CA ALA A 44 -7.27 -8.26 13.39
C ALA A 44 -7.08 -6.85 14.00
N TYR A 45 -7.05 -5.85 13.12
CA TYR A 45 -6.83 -4.44 13.49
C TYR A 45 -8.14 -3.76 13.93
N GLY A 46 -9.26 -4.19 13.34
CA GLY A 46 -10.60 -3.74 13.74
C GLY A 46 -11.70 -3.97 12.71
N SER A 47 -12.93 -3.62 13.09
CA SER A 47 -14.08 -3.71 12.21
C SER A 47 -14.27 -2.44 11.44
N VAL A 48 -14.81 -2.59 10.23
CA VAL A 48 -15.18 -1.49 9.42
C VAL A 48 -16.63 -1.52 8.95
N CYS A 49 -17.22 -0.32 8.95
CA CYS A 49 -18.50 -0.09 8.30
C CYS A 49 -18.36 0.91 7.19
N ALA A 50 -19.16 0.70 6.15
CA ALA A 50 -19.42 1.71 5.14
C ALA A 50 -20.47 2.59 5.75
N ALA A 51 -20.38 3.89 5.45
CA ALA A 51 -21.33 4.87 5.97
C ALA A 51 -21.50 5.97 4.95
N PHE A 52 -22.52 6.78 5.14
CA PHE A 52 -22.74 7.97 4.33
C PHE A 52 -22.35 9.17 5.18
N ASP A 53 -21.36 9.91 4.71
CA ASP A 53 -20.94 11.15 5.36
C ASP A 53 -21.84 12.32 4.87
N THR A 54 -22.79 12.72 5.70
CA THR A 54 -23.65 13.81 5.38
C THR A 54 -22.93 15.17 5.33
N LYS A 55 -21.73 15.32 5.84
CA LYS A 55 -21.09 16.64 5.68
C LYS A 55 -20.50 16.84 4.25
N THR A 56 -20.00 15.76 3.67
CA THR A 56 -19.25 15.85 2.42
C THR A 56 -20.06 15.27 1.29
N GLY A 57 -21.03 14.42 1.61
CA GLY A 57 -21.97 13.90 0.61
C GLY A 57 -21.41 12.63 0.02
N HIS A 58 -20.31 12.15 0.59
CA HIS A 58 -19.67 10.94 0.09
C HIS A 58 -19.88 9.73 0.98
N ARG A 59 -19.65 8.56 0.39
CA ARG A 59 -19.59 7.32 1.17
C ARG A 59 -18.20 7.12 1.72
N VAL A 60 -18.14 6.58 2.92
CA VAL A 60 -16.87 6.52 3.62
C VAL A 60 -16.73 5.17 4.32
N ALA A 61 -15.50 4.84 4.72
CA ALA A 61 -15.30 3.69 5.55
C ALA A 61 -14.96 4.20 6.91
N VAL A 62 -15.61 3.65 7.92
CA VAL A 62 -15.35 3.98 9.29
C VAL A 62 -14.76 2.73 9.90
N LYS A 63 -13.54 2.85 10.41
CA LYS A 63 -12.86 1.75 11.10
C LYS A 63 -12.81 1.99 12.61
N LYS A 64 -13.36 1.05 13.37
CA LYS A 64 -13.20 1.08 14.80
C LYS A 64 -11.97 0.23 15.20
N LEU A 65 -10.95 0.85 15.81
CA LEU A 65 -9.80 0.04 16.20
C LEU A 65 -10.18 -0.97 17.32
N SER A 66 -9.80 -2.24 17.09
CA SER A 66 -9.91 -3.20 18.18
C SER A 66 -8.73 -3.07 19.14
N ARG A 67 -9.04 -2.82 20.42
CA ARG A 67 -8.06 -2.95 21.54
C ARG A 67 -6.74 -2.19 21.21
N PRO A 68 -6.89 -0.90 20.78
CA PRO A 68 -5.73 -0.10 20.36
C PRO A 68 -4.67 0.03 21.47
N PHE A 69 -5.02 -0.19 22.74
CA PHE A 69 -4.10 0.09 23.84
C PHE A 69 -3.93 -1.09 24.78
N GLN A 70 -3.89 -2.26 24.17
CA GLN A 70 -3.96 -3.53 24.86
C GLN A 70 -2.60 -3.87 25.52
N SER A 71 -1.52 -3.66 24.77
CA SER A 71 -0.15 -3.84 25.21
C SER A 71 0.69 -2.60 24.76
N ILE A 72 1.95 -2.52 25.18
CA ILE A 72 2.90 -1.63 24.57
C ILE A 72 2.97 -1.77 23.06
N ILE A 73 2.99 -3.01 22.56
CA ILE A 73 3.17 -3.21 21.10
C ILE A 73 2.02 -2.61 20.30
N HIS A 74 0.79 -2.80 20.76
CA HIS A 74 -0.39 -2.27 20.12
C HIS A 74 -0.58 -0.76 20.26
N ALA A 75 -0.30 -0.21 21.43
CA ALA A 75 -0.47 1.21 21.64
C ALA A 75 0.49 1.94 20.73
N LYS A 76 1.68 1.40 20.59
CA LYS A 76 2.66 1.99 19.73
C LYS A 76 2.25 1.85 18.27
N ARG A 77 1.66 0.70 17.96
CA ARG A 77 1.16 0.44 16.61
C ARG A 77 0.01 1.41 16.22
N THR A 78 -0.92 1.63 17.13
CA THR A 78 -2.00 2.55 16.95
C THR A 78 -1.44 3.95 16.71
N TYR A 79 -0.48 4.36 17.51
CA TYR A 79 0.13 5.69 17.33
C TYR A 79 0.83 5.84 15.96
N ARG A 80 1.58 4.81 15.57
CA ARG A 80 2.24 4.74 14.30
C ARG A 80 1.30 4.90 13.12
N GLU A 81 0.21 4.13 13.09
CA GLU A 81 -0.79 4.23 12.05
C GLU A 81 -1.47 5.64 12.00
N LEU A 82 -1.83 6.18 13.18
CA LEU A 82 -2.44 7.52 13.23
C LEU A 82 -1.46 8.60 12.70
N ARG A 83 -0.20 8.51 13.12
CA ARG A 83 0.82 9.45 12.62
C ARG A 83 0.96 9.35 11.10
N LEU A 84 1.07 8.12 10.62
CA LEU A 84 1.21 7.91 9.16
C LEU A 84 0.01 8.40 8.37
N LEU A 85 -1.17 7.97 8.75
CA LEU A 85 -2.38 8.42 8.07
C LEU A 85 -2.60 9.96 8.08
N LYS A 86 -2.30 10.63 9.20
CA LYS A 86 -2.43 12.12 9.28
C LYS A 86 -1.50 12.79 8.29
N HIS A 87 -0.32 12.24 8.11
CA HIS A 87 0.69 12.79 7.20
C HIS A 87 0.45 12.68 5.67
N MET A 88 -0.17 11.58 5.21
CA MET A 88 -0.29 11.28 3.79
C MET A 88 -1.33 12.16 3.07
N LYS A 89 -0.86 13.12 2.25
CA LYS A 89 -1.73 14.03 1.57
C LYS A 89 -1.39 14.09 0.09
N HIS A 90 -1.99 13.18 -0.68
CA HIS A 90 -1.59 13.02 -2.08
C HIS A 90 -2.78 12.42 -2.81
N GLU A 91 -3.03 12.88 -4.04
CA GLU A 91 -4.11 12.29 -4.86
C GLU A 91 -4.08 10.75 -5.01
N ASN A 92 -2.90 10.15 -5.02
CA ASN A 92 -2.82 8.73 -5.29
C ASN A 92 -2.52 7.90 -4.04
N VAL A 93 -2.76 8.46 -2.85
CA VAL A 93 -2.51 7.76 -1.58
C VAL A 93 -3.71 8.03 -0.70
N ILE A 94 -4.27 7.01 -0.05
CA ILE A 94 -5.43 7.28 0.82
C ILE A 94 -5.07 8.21 1.96
N GLY A 95 -5.96 9.12 2.25
CA GLY A 95 -5.74 10.04 3.36
C GLY A 95 -6.84 9.90 4.39
N LEU A 96 -6.64 10.60 5.51
CA LEU A 96 -7.55 10.50 6.63
C LEU A 96 -8.59 11.59 6.47
N LEU A 97 -9.85 11.21 6.35
CA LEU A 97 -10.91 12.21 6.25
C LEU A 97 -11.24 12.68 7.62
N ASP A 98 -11.20 11.76 8.58
CA ASP A 98 -11.56 12.11 9.92
C ASP A 98 -11.01 11.10 10.90
N VAL A 99 -10.76 11.55 12.13
CA VAL A 99 -10.53 10.62 13.27
C VAL A 99 -11.29 11.13 14.49
N PHE A 100 -11.85 10.23 15.27
CA PHE A 100 -12.61 10.67 16.45
C PHE A 100 -12.64 9.63 17.55
N THR A 101 -12.85 10.12 18.76
CA THR A 101 -13.19 9.26 19.92
C THR A 101 -14.47 9.84 20.54
N PRO A 102 -15.37 8.97 21.08
CA PRO A 102 -16.45 9.45 21.98
C PRO A 102 -15.95 10.01 23.33
N ALA A 103 -14.75 9.64 23.75
CA ALA A 103 -14.18 10.12 25.04
C ALA A 103 -14.19 11.58 25.11
N ARG A 104 -14.49 12.08 26.31
CA ARG A 104 -14.46 13.52 26.57
C ARG A 104 -13.14 13.95 27.21
N SER A 105 -12.42 12.99 27.76
CA SER A 105 -11.12 13.28 28.34
C SER A 105 -10.18 12.09 28.17
N LEU A 106 -8.90 12.36 28.43
CA LEU A 106 -7.87 11.37 28.33
C LEU A 106 -8.23 10.25 29.25
N GLU A 107 -8.72 10.66 30.42
CA GLU A 107 -9.36 9.75 31.35
C GLU A 107 -10.71 9.48 30.64
N GLU A 108 -11.03 8.24 30.37
CA GLU A 108 -12.25 7.90 29.62
C GLU A 108 -11.90 7.55 28.20
N PHE A 109 -10.78 8.06 27.66
CA PHE A 109 -10.25 7.60 26.36
C PHE A 109 -10.01 6.10 26.23
N ASN A 110 -10.76 5.48 25.32
CA ASN A 110 -10.59 4.07 25.05
C ASN A 110 -10.64 3.70 23.60
N ASP A 111 -11.53 4.31 22.81
CA ASP A 111 -11.69 3.84 21.44
C ASP A 111 -11.27 4.91 20.45
N VAL A 112 -10.84 4.41 19.30
CA VAL A 112 -10.39 5.23 18.20
C VAL A 112 -11.09 4.77 16.92
N TYR A 113 -11.65 5.74 16.18
CA TYR A 113 -12.31 5.50 14.92
C TYR A 113 -11.63 6.32 13.84
N LEU A 114 -11.36 5.66 12.69
CA LEU A 114 -10.70 6.31 11.55
C LEU A 114 -11.69 6.33 10.39
N VAL A 115 -11.67 7.46 9.68
CA VAL A 115 -12.51 7.63 8.54
C VAL A 115 -11.66 7.93 7.30
N THR A 116 -11.96 7.18 6.23
CA THR A 116 -11.33 7.34 4.92
C THR A 116 -12.39 7.25 3.83
N HIS A 117 -11.99 7.56 2.60
CA HIS A 117 -12.91 7.56 1.44
C HIS A 117 -13.72 6.31 1.02
N LEU A 118 -13.29 5.08 1.23
CA LEU A 118 -14.20 3.94 0.82
C LEU A 118 -13.96 3.52 -0.59
N MET A 119 -13.38 2.35 -0.74
CA MET A 119 -12.99 1.92 -2.07
C MET A 119 -14.16 1.19 -2.71
N GLY A 120 -14.62 1.68 -3.86
CA GLY A 120 -15.50 0.89 -4.77
C GLY A 120 -14.80 -0.42 -5.14
N ALA A 121 -13.88 -0.35 -6.08
CA ALA A 121 -13.21 -1.52 -6.61
C ALA A 121 -11.72 -1.39 -6.32
N ASP A 122 -11.05 -2.51 -6.16
CA ASP A 122 -9.61 -2.51 -6.22
C ASP A 122 -9.20 -2.93 -7.65
N LEU A 123 -7.90 -3.11 -7.87
CA LEU A 123 -7.42 -3.40 -9.20
C LEU A 123 -7.87 -4.78 -9.74
N ASN A 124 -8.00 -5.78 -8.89
CA ASN A 124 -8.60 -7.09 -9.30
C ASN A 124 -10.01 -6.95 -9.85
N ASN A 125 -10.85 -6.12 -9.26
CA ASN A 125 -12.18 -5.92 -9.80
C ASN A 125 -12.09 -5.28 -11.14
N ILE A 126 -11.18 -4.33 -11.32
CA ILE A 126 -11.10 -3.69 -12.62
C ILE A 126 -10.78 -4.78 -13.72
N VAL A 127 -9.76 -5.59 -13.47
CA VAL A 127 -9.31 -6.58 -14.44
C VAL A 127 -10.43 -7.63 -14.69
N LYS A 128 -11.17 -7.96 -13.63
CA LYS A 128 -12.28 -8.88 -13.78
C LYS A 128 -13.46 -8.40 -14.70
N CYS A 129 -13.75 -7.11 -14.79
CA CYS A 129 -14.87 -6.60 -15.57
C CYS A 129 -14.52 -6.06 -16.94
N GLN A 130 -13.23 -6.01 -17.30
CA GLN A 130 -12.92 -5.60 -18.67
C GLN A 130 -11.46 -5.91 -19.02
N LYS A 131 -11.22 -5.89 -20.33
CA LYS A 131 -9.85 -6.06 -20.85
C LYS A 131 -9.22 -4.67 -20.82
N LEU A 132 -8.13 -4.52 -20.11
CA LEU A 132 -7.39 -3.24 -20.10
C LEU A 132 -6.60 -3.00 -21.41
N THR A 133 -6.68 -1.80 -21.96
CA THR A 133 -5.77 -1.45 -23.09
C THR A 133 -4.38 -1.05 -22.54
N ASP A 134 -3.40 -0.87 -23.44
CA ASP A 134 -2.04 -0.48 -23.08
C ASP A 134 -2.09 0.90 -22.48
N ASP A 135 -2.98 1.74 -22.97
CA ASP A 135 -3.16 3.06 -22.35
C ASP A 135 -3.65 3.03 -20.88
N HIS A 136 -4.59 2.11 -20.55
CA HIS A 136 -5.00 1.90 -19.16
C HIS A 136 -3.82 1.47 -18.28
N VAL A 137 -2.96 0.61 -18.81
CA VAL A 137 -1.87 0.13 -18.00
C VAL A 137 -0.89 1.30 -17.80
N GLN A 138 -0.65 2.10 -18.83
CA GLN A 138 0.18 3.26 -18.66
C GLN A 138 -0.33 4.19 -17.53
N PHE A 139 -1.62 4.57 -17.57
CA PHE A 139 -2.16 5.48 -16.55
C PHE A 139 -2.14 4.84 -15.13
N LEU A 140 -2.47 3.55 -15.03
CA LEU A 140 -2.55 2.90 -13.74
C LEU A 140 -1.17 2.86 -13.14
N ILE A 141 -0.18 2.40 -13.91
CA ILE A 141 1.13 2.26 -13.32
C ILE A 141 1.73 3.66 -13.02
N TYR A 142 1.45 4.64 -13.88
CA TYR A 142 1.96 6.03 -13.75
C TYR A 142 1.51 6.49 -12.36
N GLN A 143 0.22 6.28 -12.07
CA GLN A 143 -0.34 6.68 -10.78
C GLN A 143 0.22 5.97 -9.55
N ILE A 144 0.47 4.66 -9.65
CA ILE A 144 1.21 4.04 -8.58
C ILE A 144 2.55 4.69 -8.29
N LEU A 145 3.33 4.92 -9.35
CA LEU A 145 4.71 5.43 -9.20
C LEU A 145 4.64 6.86 -8.65
N ARG A 146 3.66 7.64 -9.10
CA ARG A 146 3.48 8.99 -8.62
C ARG A 146 3.15 8.95 -7.11
N GLY A 147 2.24 8.06 -6.67
CA GLY A 147 1.99 7.89 -5.26
C GLY A 147 3.26 7.49 -4.52
N LEU A 148 4.03 6.62 -5.16
CA LEU A 148 5.19 6.01 -4.49
C LEU A 148 6.28 7.06 -4.38
N LYS A 149 6.42 7.92 -5.37
CA LYS A 149 7.44 8.94 -5.31
C LYS A 149 7.21 9.77 -4.04
N TYR A 150 5.94 10.06 -3.76
CA TYR A 150 5.55 10.84 -2.63
C TYR A 150 5.85 10.13 -1.28
N ILE A 151 5.39 8.91 -1.15
CA ILE A 151 5.61 8.03 0.03
C ILE A 151 7.10 7.91 0.34
N HIS A 152 7.88 7.56 -0.71
CA HIS A 152 9.30 7.33 -0.58
C HIS A 152 10.04 8.62 -0.21
N SER A 153 9.57 9.78 -0.69
CA SER A 153 10.20 11.06 -0.32
C SER A 153 10.00 11.39 1.17
N ALA A 154 9.07 10.73 1.84
CA ALA A 154 8.91 10.84 3.31
C ALA A 154 9.66 9.73 4.06
N ASP A 155 10.50 8.92 3.35
CA ASP A 155 11.17 7.78 3.95
C ASP A 155 10.21 6.76 4.54
N ILE A 156 9.11 6.58 3.84
CA ILE A 156 8.14 5.54 4.16
C ILE A 156 8.24 4.45 3.09
N ILE A 157 8.23 3.20 3.54
CA ILE A 157 8.19 2.08 2.62
C ILE A 157 6.81 1.41 2.76
N HIS A 158 6.12 1.17 1.66
CA HIS A 158 4.77 0.65 1.74
C HIS A 158 4.83 -0.79 2.28
N ARG A 159 5.68 -1.59 1.62
CA ARG A 159 5.95 -2.98 1.96
C ARG A 159 4.92 -3.98 1.53
N ASP A 160 3.70 -3.57 1.19
CA ASP A 160 2.72 -4.59 0.85
C ASP A 160 1.87 -4.19 -0.38
N LEU A 161 2.50 -3.61 -1.42
CA LEU A 161 1.78 -3.28 -2.64
C LEU A 161 1.33 -4.56 -3.30
N LYS A 162 0.08 -4.60 -3.72
CA LYS A 162 -0.45 -5.71 -4.46
C LYS A 162 -1.80 -5.24 -4.99
N PRO A 163 -2.38 -5.98 -5.94
CA PRO A 163 -3.58 -5.45 -6.55
C PRO A 163 -4.73 -5.13 -5.59
N SER A 164 -4.88 -5.92 -4.55
CA SER A 164 -6.02 -5.66 -3.67
C SER A 164 -5.76 -4.43 -2.69
N ASN A 165 -4.55 -3.88 -2.68
CA ASN A 165 -4.32 -2.63 -1.93
C ASN A 165 -4.31 -1.39 -2.85
N LEU A 166 -4.91 -1.50 -4.04
CA LEU A 166 -5.00 -0.41 -4.99
C LEU A 166 -6.46 -0.16 -5.36
N ALA A 167 -7.00 0.99 -4.93
CA ALA A 167 -8.40 1.34 -5.22
C ALA A 167 -8.42 2.04 -6.56
N VAL A 168 -9.42 1.77 -7.38
CA VAL A 168 -9.45 2.36 -8.75
C VAL A 168 -10.89 2.72 -8.99
N ASN A 169 -11.16 3.91 -9.48
CA ASN A 169 -12.54 4.30 -9.78
C ASN A 169 -12.94 4.22 -11.27
N GLU A 170 -14.15 4.72 -11.61
CA GLU A 170 -14.72 4.64 -12.99
C GLU A 170 -13.87 5.40 -13.95
N ASP A 171 -13.17 6.43 -13.44
CA ASP A 171 -12.32 7.23 -14.29
C ASP A 171 -10.90 6.67 -14.40
N CYS A 172 -10.68 5.46 -13.88
CA CYS A 172 -9.36 4.85 -13.88
C CYS A 172 -8.35 5.64 -12.97
N GLU A 173 -8.87 6.41 -12.01
CA GLU A 173 -7.99 7.11 -11.06
C GLU A 173 -7.69 6.16 -9.92
N LEU A 174 -6.45 6.19 -9.43
CA LEU A 174 -5.99 5.16 -8.52
C LEU A 174 -5.46 5.77 -7.22
N LYS A 175 -5.67 5.04 -6.11
CA LYS A 175 -5.03 5.34 -4.82
C LYS A 175 -4.46 4.12 -4.15
N ILE A 176 -3.30 4.29 -3.53
CA ILE A 176 -2.64 3.26 -2.78
C ILE A 176 -3.23 3.19 -1.37
N LEU A 177 -3.61 1.99 -0.96
CA LEU A 177 -4.22 1.79 0.36
C LEU A 177 -3.30 0.91 1.20
N ASP A 178 -3.73 0.76 2.44
CA ASP A 178 -3.23 -0.25 3.40
C ASP A 178 -1.73 -0.42 3.50
N PHE A 179 -1.01 0.60 3.97
CA PHE A 179 0.39 0.40 4.33
C PHE A 179 0.65 -0.76 5.33
N GLY A 180 1.76 -1.49 5.19
CA GLY A 180 2.24 -2.27 6.36
C GLY A 180 2.93 -1.29 7.33
N LEU A 181 2.78 -1.36 8.67
CA LEU A 181 2.21 -2.42 9.53
C LEU A 181 3.01 -2.43 10.86
N ALA A 194 -1.76 -14.70 3.05
CA ALA A 194 -2.04 -13.28 2.81
C ALA A 194 -1.51 -12.68 1.48
N THR A 195 -0.95 -13.53 0.58
CA THR A 195 -0.17 -13.19 -0.70
C THR A 195 1.20 -12.46 -0.70
N ARG A 196 2.20 -13.27 -1.12
CA ARG A 196 3.66 -13.13 -1.07
C ARG A 196 4.20 -12.90 -2.52
N TRP A 197 3.28 -13.01 -3.46
CA TRP A 197 3.63 -13.05 -4.85
C TRP A 197 4.23 -11.73 -5.39
N TYR A 198 3.95 -10.60 -4.71
CA TYR A 198 4.39 -9.28 -5.15
C TYR A 198 5.60 -8.80 -4.35
N ARG A 199 6.13 -9.68 -3.48
CA ARG A 199 7.17 -9.30 -2.47
C ARG A 199 8.55 -9.46 -3.01
N ALA A 200 9.39 -8.45 -2.78
CA ALA A 200 10.78 -8.56 -3.24
C ALA A 200 11.48 -9.77 -2.57
N PRO A 201 12.38 -10.45 -3.26
CA PRO A 201 13.02 -11.58 -2.64
C PRO A 201 13.90 -11.22 -1.42
N GLU A 202 14.59 -10.07 -1.41
CA GLU A 202 15.35 -9.73 -0.21
C GLU A 202 14.51 -9.69 1.05
N ILE A 203 13.21 -9.47 0.96
CA ILE A 203 12.43 -9.41 2.20
C ILE A 203 11.70 -10.69 2.44
N MET A 204 11.35 -11.35 1.35
CA MET A 204 10.74 -12.64 1.46
C MET A 204 11.64 -13.65 2.24
N LEU A 205 12.95 -13.55 2.07
CA LEU A 205 13.90 -14.54 2.64
C LEU A 205 14.83 -13.88 3.63
N ASN A 206 14.50 -12.64 3.94
CA ASN A 206 15.20 -11.82 4.89
C ASN A 206 16.69 -11.70 4.61
N TRP A 207 17.07 -11.38 3.38
CA TRP A 207 18.49 -11.34 3.01
C TRP A 207 19.25 -10.21 3.65
N MET A 208 18.56 -9.14 3.99
CA MET A 208 19.24 -7.91 4.35
C MET A 208 18.24 -6.88 4.85
N HIS A 209 18.78 -5.89 5.59
CA HIS A 209 18.27 -4.55 5.76
C HIS A 209 17.77 -4.04 4.41
N TYR A 210 16.47 -3.90 4.24
CA TYR A 210 15.89 -3.56 2.94
C TYR A 210 15.46 -2.06 2.69
N ASN A 211 15.42 -1.66 1.41
CA ASN A 211 15.16 -0.26 1.05
C ASN A 211 13.86 -0.07 0.31
N GLN A 212 13.64 1.16 -0.14
CA GLN A 212 12.39 1.60 -0.68
C GLN A 212 12.06 0.85 -1.93
N THR A 213 13.08 0.35 -2.62
CA THR A 213 12.87 -0.26 -3.90
C THR A 213 12.27 -1.63 -3.77
N VAL A 214 12.00 -2.12 -2.56
CA VAL A 214 11.12 -3.33 -2.48
C VAL A 214 9.73 -3.05 -3.10
N ASP A 215 9.23 -1.84 -2.89
CA ASP A 215 8.02 -1.37 -3.55
C ASP A 215 8.10 -1.36 -5.10
N ILE A 216 9.24 -0.95 -5.66
CA ILE A 216 9.38 -0.95 -7.16
C ILE A 216 9.28 -2.39 -7.68
N TRP A 217 9.80 -3.34 -6.94
CA TRP A 217 9.73 -4.76 -7.32
C TRP A 217 8.25 -5.13 -7.38
N SER A 218 7.47 -4.66 -6.39
CA SER A 218 6.04 -4.95 -6.38
C SER A 218 5.33 -4.35 -7.60
N VAL A 219 5.68 -3.13 -7.97
CA VAL A 219 5.10 -2.50 -9.15
C VAL A 219 5.43 -3.32 -10.39
N GLY A 220 6.66 -3.80 -10.51
CA GLY A 220 7.02 -4.62 -11.68
C GLY A 220 6.08 -5.85 -11.75
N CYS A 221 5.86 -6.50 -10.58
CA CYS A 221 5.00 -7.70 -10.54
C CYS A 221 3.58 -7.36 -10.93
N ILE A 222 3.07 -6.22 -10.45
CA ILE A 222 1.72 -5.81 -10.79
C ILE A 222 1.59 -5.47 -12.30
N MET A 223 2.55 -4.72 -12.84
CA MET A 223 2.49 -4.32 -14.20
C MET A 223 2.61 -5.53 -15.12
N ALA A 224 3.53 -6.47 -14.82
CA ALA A 224 3.68 -7.68 -15.67
C ALA A 224 2.34 -8.42 -15.79
N GLU A 225 1.63 -8.55 -14.68
CA GLU A 225 0.36 -9.25 -14.64
C GLU A 225 -0.74 -8.48 -15.35
N LEU A 226 -0.70 -7.13 -15.31
CA LEU A 226 -1.67 -6.36 -16.09
C LEU A 226 -1.47 -6.56 -17.57
N LEU A 227 -0.22 -6.71 -18.00
CA LEU A 227 0.10 -6.84 -19.41
C LEU A 227 -0.28 -8.27 -19.91
N THR A 228 0.02 -9.30 -19.12
CA THR A 228 -0.15 -10.67 -19.62
C THR A 228 -1.43 -11.37 -19.14
N GLY A 229 -2.10 -10.88 -18.13
CA GLY A 229 -3.13 -11.64 -17.46
C GLY A 229 -2.63 -12.78 -16.56
N ARG A 230 -1.33 -13.01 -16.43
CA ARG A 230 -0.85 -14.09 -15.56
C ARG A 230 -0.07 -13.50 -14.35
N THR A 231 -0.33 -13.99 -13.15
CA THR A 231 0.60 -13.72 -12.04
C THR A 231 2.03 -14.08 -12.41
N LEU A 232 2.95 -13.18 -12.16
CA LEU A 232 4.32 -13.35 -12.63
C LEU A 232 5.05 -14.43 -11.78
N PHE A 233 4.97 -14.36 -10.46
CA PHE A 233 5.72 -15.29 -9.63
C PHE A 233 4.81 -16.03 -8.63
N PRO A 234 3.87 -16.86 -9.11
CA PRO A 234 2.90 -17.40 -8.10
C PRO A 234 3.47 -18.64 -7.37
N GLY A 235 4.52 -18.48 -6.59
CA GLY A 235 5.13 -19.63 -5.93
C GLY A 235 4.24 -20.14 -4.81
N THR A 236 4.25 -21.45 -4.58
CA THR A 236 3.43 -22.07 -3.53
C THR A 236 4.05 -21.92 -2.15
N ASP A 237 5.37 -21.82 -2.07
CA ASP A 237 6.06 -21.45 -0.82
C ASP A 237 7.26 -20.58 -1.18
N HIS A 238 8.03 -20.15 -0.18
CA HIS A 238 9.17 -19.24 -0.39
C HIS A 238 10.24 -19.70 -1.40
N ILE A 239 10.51 -21.01 -1.41
CA ILE A 239 11.57 -21.61 -2.20
C ILE A 239 11.14 -21.68 -3.64
N ASP A 240 9.97 -22.27 -3.82
CA ASP A 240 9.34 -22.30 -5.10
C ASP A 240 9.27 -20.89 -5.78
N GLN A 241 8.81 -19.89 -5.05
CA GLN A 241 8.79 -18.53 -5.57
C GLN A 241 10.20 -17.99 -5.90
N LEU A 242 11.17 -18.21 -5.01
CA LEU A 242 12.54 -17.84 -5.35
C LEU A 242 13.02 -18.51 -6.64
N LYS A 243 12.65 -19.77 -6.85
CA LYS A 243 13.04 -20.44 -8.08
C LYS A 243 12.37 -19.83 -9.33
N LEU A 244 11.11 -19.42 -9.22
CA LEU A 244 10.44 -18.75 -10.33
C LEU A 244 11.13 -17.41 -10.62
N ILE A 245 11.52 -16.69 -9.55
CA ILE A 245 12.11 -15.37 -9.67
C ILE A 245 13.48 -15.53 -10.32
N LEU A 246 14.30 -16.44 -9.77
CA LEU A 246 15.71 -16.59 -10.26
C LEU A 246 15.74 -17.10 -11.68
N ARG A 247 14.76 -17.90 -12.06
CA ARG A 247 14.65 -18.33 -13.41
C ARG A 247 14.52 -17.10 -14.42
N LEU A 248 13.76 -16.07 -14.02
CA LEU A 248 13.58 -14.94 -14.91
C LEU A 248 14.79 -14.03 -14.81
N VAL A 249 15.29 -13.76 -13.62
CA VAL A 249 16.21 -12.64 -13.55
C VAL A 249 17.63 -13.13 -13.43
N GLY A 250 17.86 -14.45 -13.32
CA GLY A 250 19.21 -15.00 -13.20
C GLY A 250 19.65 -15.15 -11.76
N THR A 251 20.53 -16.09 -11.46
CA THR A 251 21.06 -16.19 -10.10
C THR A 251 21.94 -14.97 -9.76
N PRO A 252 22.08 -14.61 -8.47
CA PRO A 252 22.93 -13.47 -8.01
C PRO A 252 24.41 -13.57 -8.41
N GLY A 253 25.01 -12.47 -8.81
CA GLY A 253 26.47 -12.48 -9.05
C GLY A 253 27.19 -12.19 -7.74
N ALA A 254 28.51 -12.16 -7.74
CA ALA A 254 29.28 -11.86 -6.53
C ALA A 254 28.91 -10.53 -5.86
N GLU A 255 28.68 -9.49 -6.66
CA GLU A 255 28.37 -8.14 -6.11
C GLU A 255 27.12 -8.17 -5.20
N LEU A 256 26.04 -8.82 -5.67
CA LEU A 256 24.85 -9.01 -4.81
C LEU A 256 25.12 -10.00 -3.68
N LEU A 257 25.84 -11.08 -3.98
CA LEU A 257 26.14 -12.04 -2.90
C LEU A 257 26.83 -11.40 -1.70
N LYS A 258 27.71 -10.44 -1.92
CA LYS A 258 28.42 -9.78 -0.81
C LYS A 258 27.47 -9.04 0.08
N LYS A 259 26.27 -8.70 -0.40
CA LYS A 259 25.39 -7.83 0.37
C LYS A 259 24.37 -8.59 1.19
N ILE A 260 24.22 -9.88 0.92
CA ILE A 260 23.40 -10.73 1.75
C ILE A 260 24.10 -10.96 3.10
N SER A 261 23.43 -10.57 4.20
CA SER A 261 24.02 -10.54 5.55
C SER A 261 24.18 -11.94 6.14
N SER A 262 23.13 -12.76 6.01
CA SER A 262 23.10 -14.15 6.52
C SER A 262 23.97 -15.14 5.72
N GLU A 263 24.83 -15.84 6.44
CA GLU A 263 25.75 -16.77 5.83
C GLU A 263 25.01 -17.97 5.29
N SER A 264 23.91 -18.35 5.95
CA SER A 264 23.09 -19.48 5.54
C SER A 264 22.39 -19.12 4.23
N ALA A 265 21.80 -17.93 4.19
CA ALA A 265 21.19 -17.41 2.94
C ALA A 265 22.19 -17.40 1.78
N ARG A 266 23.39 -16.83 1.99
CA ARG A 266 24.46 -16.89 0.97
C ARG A 266 24.77 -18.34 0.60
N ASN A 267 24.94 -19.19 1.62
CA ASN A 267 25.23 -20.60 1.38
C ASN A 267 24.17 -21.32 0.58
N TYR A 268 22.91 -21.05 0.85
CA TYR A 268 21.84 -21.73 0.15
C TYR A 268 21.87 -21.25 -1.30
N ILE A 269 22.04 -19.94 -1.47
CA ILE A 269 22.09 -19.33 -2.82
C ILE A 269 23.20 -19.90 -3.69
N GLN A 270 24.40 -20.06 -3.11
CA GLN A 270 25.52 -20.65 -3.84
C GLN A 270 25.37 -22.13 -4.14
N SER A 271 24.40 -22.79 -3.51
CA SER A 271 24.13 -24.23 -3.81
C SER A 271 23.27 -24.41 -5.06
N LEU A 272 22.71 -23.30 -5.54
CA LEU A 272 21.86 -23.35 -6.73
C LEU A 272 22.70 -23.47 -7.98
N ALA A 273 22.22 -24.23 -8.96
CA ALA A 273 22.85 -24.20 -10.26
C ALA A 273 22.73 -22.75 -10.80
N GLN A 274 23.83 -22.19 -11.34
CA GLN A 274 23.86 -20.85 -11.92
C GLN A 274 22.84 -20.78 -13.06
N MET A 275 22.25 -19.59 -13.23
CA MET A 275 21.18 -19.41 -14.22
C MET A 275 21.30 -18.04 -14.78
N PRO A 276 21.21 -17.93 -16.12
CA PRO A 276 21.35 -16.59 -16.72
C PRO A 276 20.01 -15.88 -16.75
N LYS A 277 20.10 -14.56 -16.87
CA LYS A 277 18.95 -13.69 -17.05
C LYS A 277 18.24 -14.07 -18.34
N MET A 278 16.93 -14.20 -18.28
CA MET A 278 16.16 -14.41 -19.51
C MET A 278 16.03 -13.13 -20.34
N ASN A 279 15.79 -13.30 -21.64
CA ASN A 279 15.48 -12.16 -22.54
C ASN A 279 14.02 -11.78 -22.29
N PHE A 280 13.78 -10.64 -21.67
CA PHE A 280 12.37 -10.24 -21.35
C PHE A 280 11.52 -10.07 -22.62
N ALA A 281 12.12 -9.74 -23.74
CA ALA A 281 11.31 -9.63 -24.97
C ALA A 281 10.65 -10.96 -25.36
N ASN A 282 11.31 -12.07 -25.08
CA ASN A 282 10.71 -13.39 -25.27
C ASN A 282 9.68 -13.71 -24.18
N VAL A 283 9.83 -13.14 -22.99
CA VAL A 283 8.85 -13.49 -21.95
C VAL A 283 7.56 -12.71 -22.17
N PHE A 284 7.66 -11.45 -22.63
CA PHE A 284 6.50 -10.59 -22.77
C PHE A 284 6.20 -10.28 -24.23
N ILE A 285 6.11 -11.31 -25.08
CA ILE A 285 5.96 -11.16 -26.52
C ILE A 285 4.72 -10.40 -26.75
N GLY A 286 4.73 -9.43 -27.64
CA GLY A 286 3.50 -8.70 -28.00
C GLY A 286 3.22 -7.44 -27.15
N ALA A 287 3.91 -7.30 -26.00
CA ALA A 287 3.71 -6.12 -25.18
C ALA A 287 4.47 -4.93 -25.81
N ASN A 288 3.99 -3.71 -25.58
CA ASN A 288 4.75 -2.49 -25.90
C ASN A 288 6.20 -2.65 -25.46
N PRO A 289 7.14 -2.57 -26.42
CA PRO A 289 8.57 -2.68 -26.06
C PRO A 289 9.09 -1.68 -24.99
N LEU A 290 8.46 -0.52 -24.87
CA LEU A 290 8.75 0.47 -23.79
C LEU A 290 8.25 -0.10 -22.45
N ALA A 291 7.11 -0.78 -22.47
CA ALA A 291 6.67 -1.50 -21.25
C ALA A 291 7.68 -2.54 -20.79
N VAL A 292 8.11 -3.38 -21.71
CA VAL A 292 9.02 -4.45 -21.39
C VAL A 292 10.32 -3.81 -20.89
N ASP A 293 10.77 -2.74 -21.52
CA ASP A 293 12.00 -2.10 -21.08
C ASP A 293 11.95 -1.62 -19.62
N LEU A 294 10.85 -0.97 -19.26
CA LEU A 294 10.60 -0.56 -17.88
C LEU A 294 10.51 -1.73 -16.91
N LEU A 295 9.84 -2.81 -17.30
CA LEU A 295 9.88 -4.05 -16.48
C LEU A 295 11.29 -4.51 -16.21
N GLU A 296 12.18 -4.49 -17.20
CA GLU A 296 13.58 -4.89 -16.92
C GLU A 296 14.27 -3.93 -15.91
N LYS A 297 13.78 -2.70 -15.81
CA LYS A 297 14.39 -1.76 -14.87
C LYS A 297 13.87 -1.98 -13.42
N MET A 298 12.69 -2.53 -13.30
CA MET A 298 12.07 -2.75 -12.02
C MET A 298 12.39 -4.13 -11.45
N LEU A 299 12.43 -5.15 -12.31
CA LEU A 299 12.63 -6.52 -11.88
C LEU A 299 14.13 -6.88 -11.91
N VAL A 300 14.90 -6.11 -11.16
CA VAL A 300 16.32 -6.34 -11.01
C VAL A 300 16.56 -6.91 -9.60
N LEU A 301 17.29 -8.00 -9.53
CA LEU A 301 17.46 -8.71 -8.28
C LEU A 301 18.19 -7.86 -7.25
N ASP A 302 19.22 -7.14 -7.66
CA ASP A 302 19.96 -6.31 -6.73
C ASP A 302 19.15 -5.06 -6.53
N SER A 303 18.66 -4.86 -5.33
CA SER A 303 17.85 -3.69 -5.07
C SER A 303 18.56 -2.34 -5.22
N ASP A 304 19.89 -2.30 -5.17
CA ASP A 304 20.60 -1.03 -5.40
C ASP A 304 20.59 -0.59 -6.87
N LYS A 305 20.23 -1.51 -7.78
CA LYS A 305 20.24 -1.24 -9.23
C LYS A 305 18.83 -1.10 -9.74
N ARG A 306 17.84 -1.29 -8.89
CA ARG A 306 16.44 -1.14 -9.34
C ARG A 306 16.12 0.32 -9.60
N ILE A 307 15.31 0.62 -10.60
CA ILE A 307 14.93 2.02 -10.85
C ILE A 307 14.11 2.55 -9.67
N THR A 308 14.24 3.82 -9.35
CA THR A 308 13.48 4.43 -8.27
C THR A 308 12.14 4.94 -8.83
N ALA A 309 11.17 5.19 -7.95
CA ALA A 309 9.88 5.79 -8.42
C ALA A 309 10.07 7.06 -9.23
N ALA A 310 10.80 8.04 -8.69
CA ALA A 310 11.09 9.30 -9.44
C ALA A 310 11.70 9.05 -10.86
N GLN A 311 12.72 8.19 -10.94
CA GLN A 311 13.29 7.84 -12.24
C GLN A 311 12.24 7.16 -13.17
N ALA A 312 11.42 6.25 -12.65
CA ALA A 312 10.44 5.51 -13.43
C ALA A 312 9.41 6.46 -14.09
N LEU A 313 9.10 7.55 -13.41
CA LEU A 313 8.11 8.52 -13.91
C LEU A 313 8.55 9.26 -15.17
N ALA A 314 9.89 9.35 -15.30
CA ALA A 314 10.55 9.98 -16.42
C ALA A 314 10.76 8.95 -17.60
N HIS A 315 10.31 7.71 -17.43
CA HIS A 315 10.52 6.71 -18.48
C HIS A 315 9.62 6.96 -19.67
N ALA A 316 10.19 6.78 -20.88
CA ALA A 316 9.40 7.01 -22.10
C ALA A 316 8.06 6.29 -22.10
N TYR A 317 7.92 5.18 -21.36
CA TYR A 317 6.59 4.53 -21.28
C TYR A 317 5.45 5.54 -20.88
N PHE A 318 5.77 6.56 -20.06
CA PHE A 318 4.72 7.44 -19.49
C PHE A 318 4.67 8.82 -20.14
N ALA A 319 5.22 8.95 -21.34
CA ALA A 319 5.36 10.27 -22.02
C ALA A 319 4.03 10.97 -22.12
N GLN A 320 2.93 10.24 -22.30
CA GLN A 320 1.66 10.92 -22.29
C GLN A 320 1.12 11.42 -20.95
N TYR A 321 1.70 10.99 -19.83
CA TYR A 321 1.16 11.35 -18.55
C TYR A 321 2.18 12.13 -17.70
N HIS A 322 3.46 11.96 -18.01
CA HIS A 322 4.52 12.49 -17.15
C HIS A 322 4.48 14.01 -17.14
N ASP A 323 4.55 14.61 -15.94
CA ASP A 323 4.56 16.09 -15.84
C ASP A 323 5.34 16.36 -14.59
N PRO A 324 6.58 16.76 -14.76
CA PRO A 324 7.50 16.85 -13.62
C PRO A 324 7.12 17.97 -12.67
N ASP A 325 6.30 18.92 -13.12
CA ASP A 325 5.75 19.94 -12.22
C ASP A 325 4.50 19.51 -11.43
N ASP A 326 4.00 18.30 -11.67
CA ASP A 326 2.78 17.87 -11.02
C ASP A 326 3.03 16.45 -10.43
N GLU A 327 4.22 16.27 -9.91
CA GLU A 327 4.64 15.03 -9.27
C GLU A 327 5.23 15.34 -7.87
N PRO A 328 4.36 15.79 -6.92
CA PRO A 328 4.89 16.33 -5.66
C PRO A 328 5.57 15.30 -4.73
N VAL A 329 6.43 15.85 -3.86
CA VAL A 329 7.00 15.13 -2.74
C VAL A 329 6.28 15.50 -1.44
N ALA A 330 6.62 14.79 -0.37
CA ALA A 330 5.92 14.92 0.90
C ALA A 330 6.66 15.91 1.84
N ASP A 331 5.91 16.61 2.71
CA ASP A 331 6.56 17.25 3.83
C ASP A 331 7.43 16.20 4.56
N PRO A 332 8.49 16.67 5.22
CA PRO A 332 9.36 15.82 6.08
C PRO A 332 8.51 15.06 7.13
N TYR A 333 8.84 13.80 7.36
CA TYR A 333 7.97 12.99 8.22
C TYR A 333 8.87 12.47 9.33
N ASP A 334 8.62 12.92 10.57
CA ASP A 334 9.50 12.63 11.71
C ASP A 334 9.17 11.26 12.35
N GLN A 335 10.07 10.29 12.27
CA GLN A 335 9.77 8.92 12.74
C GLN A 335 10.64 8.55 13.92
N SER A 336 11.23 9.58 14.53
CA SER A 336 12.09 9.41 15.74
C SER A 336 11.26 8.79 16.87
N PHE A 337 9.94 8.80 16.79
CA PHE A 337 9.14 8.10 17.82
C PHE A 337 9.42 6.60 17.80
N GLU A 338 9.87 6.05 16.66
CA GLU A 338 10.04 4.59 16.63
C GLU A 338 11.05 4.13 17.71
N SER A 339 11.99 5.02 18.07
CA SER A 339 13.01 4.76 19.07
C SER A 339 12.66 5.01 20.51
N ARG A 340 11.47 5.51 20.79
CA ARG A 340 11.15 5.91 22.18
C ARG A 340 10.74 4.66 22.91
N ASP A 341 11.08 4.62 24.18
CA ASP A 341 10.71 3.55 25.05
C ASP A 341 9.74 4.10 26.08
N LEU A 342 8.46 3.80 25.88
CA LEU A 342 7.40 4.48 26.62
C LEU A 342 6.45 3.47 27.27
N LEU A 343 5.71 3.92 28.28
CA LEU A 343 4.64 3.13 28.97
C LEU A 343 3.38 3.16 28.10
N ILE A 344 2.55 2.11 28.19
CA ILE A 344 1.26 2.09 27.50
C ILE A 344 0.50 3.43 27.57
N ASP A 345 0.36 3.98 28.78
CA ASP A 345 -0.36 5.22 28.98
C ASP A 345 0.33 6.42 28.31
N GLU A 346 1.65 6.38 28.15
CA GLU A 346 2.34 7.41 27.35
C GLU A 346 2.00 7.27 25.85
N TRP A 347 2.02 6.06 25.29
CA TRP A 347 1.61 5.87 23.86
C TRP A 347 0.15 6.30 23.67
N LYS A 348 -0.65 6.03 24.67
CA LYS A 348 -2.08 6.25 24.54
C LYS A 348 -2.34 7.74 24.62
N SER A 349 -1.63 8.43 25.50
CA SER A 349 -1.82 9.89 25.62
C SER A 349 -1.27 10.67 24.39
N LEU A 350 -0.21 10.15 23.79
CA LEU A 350 0.34 10.73 22.54
C LEU A 350 -0.68 10.52 21.39
N THR A 351 -1.30 9.35 21.39
CA THR A 351 -2.33 9.05 20.41
C THR A 351 -3.51 10.03 20.54
N TYR A 352 -3.93 10.25 21.77
CA TYR A 352 -4.98 11.22 22.10
C TYR A 352 -4.65 12.66 21.61
N ASP A 353 -3.42 13.12 21.85
CA ASP A 353 -2.94 14.39 21.31
C ASP A 353 -3.18 14.45 19.79
N GLU A 354 -2.84 13.37 19.10
CA GLU A 354 -2.95 13.29 17.67
C GLU A 354 -4.43 13.31 17.19
N VAL A 355 -5.34 12.62 17.90
CA VAL A 355 -6.79 12.76 17.67
C VAL A 355 -7.23 14.22 17.87
N ILE A 356 -6.79 14.87 18.96
CA ILE A 356 -7.13 16.26 19.29
C ILE A 356 -6.60 17.26 18.27
N SER A 357 -5.38 17.06 17.77
CA SER A 357 -4.89 17.99 16.77
C SER A 357 -5.26 17.68 15.31
N PHE A 358 -6.13 16.70 15.03
CA PHE A 358 -6.49 16.42 13.63
C PHE A 358 -7.23 17.58 12.97
N VAL A 359 -6.75 18.05 11.83
CA VAL A 359 -7.50 19.04 11.06
C VAL A 359 -8.03 18.37 9.79
N PRO A 360 -9.32 18.37 9.58
CA PRO A 360 -9.84 17.75 8.33
C PRO A 360 -9.38 18.48 7.06
N PRO A 361 -9.29 17.75 5.94
CA PRO A 361 -9.20 18.33 4.59
C PRO A 361 -10.28 19.40 4.36
N PRO A 362 -9.93 20.43 3.57
CA PRO A 362 -10.75 21.58 3.18
C PRO A 362 -12.09 21.23 2.55
N LEU A 363 -12.99 22.23 2.61
CA LEU A 363 -14.31 22.22 1.94
C LEU A 363 -14.94 20.82 1.70
N ALA B 1 -7.01 7.72 -19.07
CA ALA B 1 -7.51 6.42 -19.61
C ALA B 1 -8.98 6.04 -19.33
N ALA B 2 -9.90 7.01 -19.24
CA ALA B 2 -11.33 6.79 -19.65
C ALA B 2 -12.27 5.84 -18.79
N ASP B 3 -13.36 5.31 -19.40
CA ASP B 3 -14.61 4.89 -18.69
C ASP B 3 -14.83 3.41 -18.18
N LEU B 4 -14.33 3.07 -16.98
CA LEU B 4 -14.30 1.66 -16.52
C LEU B 4 -15.56 1.19 -15.81
N ARG B 5 -15.88 -0.09 -15.90
CA ARG B 5 -16.83 -0.74 -15.01
C ARG B 5 -16.15 -1.12 -13.67
N ILE B 6 -16.91 -1.01 -12.59
CA ILE B 6 -16.44 -1.06 -11.20
C ILE B 6 -16.83 -2.37 -10.54
N SER B 7 -17.78 -3.03 -11.17
CA SER B 7 -18.57 -4.07 -10.53
C SER B 7 -19.13 -4.92 -11.67
N CYS B 8 -19.19 -6.25 -11.50
CA CYS B 8 -19.77 -7.13 -12.55
C CYS B 8 -20.15 -8.54 -12.06
N ASN B 9 -21.08 -9.18 -12.77
CA ASN B 9 -21.60 -10.50 -12.36
C ASN B 9 -20.66 -11.64 -12.76
N SER B 10 -19.92 -12.18 -11.79
CA SER B 10 -19.09 -13.40 -11.95
C SER B 10 -18.37 -13.81 -10.64
N LYS B 11 -17.55 -14.88 -10.72
CA LYS B 11 -16.70 -15.42 -9.62
C LYS B 11 -17.05 -16.85 -9.16
#